data_2QCT
#
_entry.id   2QCT
#
_cell.length_a   44.904
_cell.length_b   147.945
_cell.length_c   46.157
_cell.angle_alpha   90.00
_cell.angle_beta   98.04
_cell.angle_gamma   90.00
#
_symmetry.space_group_name_H-M   'P 1 21 1'
#
loop_
_entity.id
_entity.type
_entity.pdbx_description
1 polymer 'Tyrosine-protein phosphatase non-receptor type 22'
2 non-polymer '6-HYDROXY-3-{(4R)-1-[4-(1-NAPHTHYLAMINO)-4-OXOBUTYL]-1,2,3-TRIAZOLIDIN-4-YL}-1-BENZOFURAN-5-CARBOXYLIC ACID'
3 non-polymer 1,2-ETHANEDIOL
4 water water
#
_entity_poly.entity_id   1
_entity_poly.type   'polypeptide(L)'
_entity_poly.pdbx_seq_one_letter_code
;HHHHHHSSGLVPRGSHMASMDQREILQKFLDEAQSKKITKEEFANEFLKLKRQSTKYKADKTYPTTVAEKPKNIKKNRYK
DILPYDYSRVELSLITSDEDSSYINANFIKGVYGPKAYIATQGPLSTTLLDFWRMIWEYSVLIIVMACMEYEMGKKKCER
YWAEPGEMQLEFGPFSVSCEAEKRKSDYIIRTLKVKFNSETRTIYQFHYKNWPDHDVPSSIDPILELIWDVRCYQEDDSV
PICIHCSAGCGRTGVICAIDYTWMLLKDGIIPENFSVFSLIREMRTQRPSLVQTQEQYELVYNAVLELFKRQM
;
_entity_poly.pdbx_strand_id   A,B
#
# COMPACT_ATOMS: atom_id res chain seq x y z
N GLN A 22 -0.90 -44.13 -31.20
CA GLN A 22 -2.24 -43.52 -31.41
C GLN A 22 -2.89 -43.12 -30.09
N ARG A 23 -2.23 -43.38 -28.97
CA ARG A 23 -2.75 -43.04 -27.65
C ARG A 23 -1.65 -43.12 -26.61
N GLU A 24 -0.91 -42.03 -26.48
CA GLU A 24 0.17 -41.99 -25.54
C GLU A 24 -0.29 -42.08 -24.07
N ILE A 25 -0.20 -43.29 -23.52
CA ILE A 25 -0.56 -43.57 -22.14
C ILE A 25 0.78 -43.95 -21.52
N LEU A 26 1.82 -43.51 -22.22
CA LEU A 26 3.21 -43.72 -21.85
C LEU A 26 3.87 -42.45 -22.38
N GLN A 27 3.15 -41.35 -22.19
CA GLN A 27 3.56 -40.03 -22.59
C GLN A 27 5.07 -39.83 -22.74
N LYS A 28 5.65 -40.31 -23.84
CA LYS A 28 7.08 -40.12 -24.06
C LYS A 28 7.36 -38.72 -24.60
N PHE A 29 7.62 -37.82 -23.67
CA PHE A 29 7.87 -36.45 -23.95
C PHE A 29 9.22 -36.13 -23.31
N LEU A 30 9.61 -36.96 -22.34
CA LEU A 30 10.89 -36.80 -21.65
C LEU A 30 11.95 -37.05 -22.70
N ASP A 31 12.86 -36.10 -22.91
CA ASP A 31 13.87 -36.27 -23.94
C ASP A 31 15.09 -35.38 -23.69
N GLU A 42 20.69 -24.19 -25.43
CA GLU A 42 19.82 -25.25 -25.92
C GLU A 42 18.36 -24.82 -25.75
N PHE A 43 18.02 -24.43 -24.52
CA PHE A 43 16.67 -23.97 -24.21
C PHE A 43 16.60 -22.51 -24.62
N ALA A 44 17.77 -21.87 -24.57
CA ALA A 44 17.90 -20.48 -24.95
C ALA A 44 17.48 -20.35 -26.41
N ASN A 45 17.67 -21.41 -27.16
CA ASN A 45 17.36 -21.41 -28.58
C ASN A 45 15.89 -21.47 -28.92
N GLU A 46 15.14 -22.32 -28.22
CA GLU A 46 13.72 -22.41 -28.47
C GLU A 46 13.15 -21.05 -28.07
N PHE A 47 13.57 -20.55 -26.91
CA PHE A 47 13.11 -19.28 -26.39
C PHE A 47 13.44 -18.09 -27.30
N LEU A 48 14.69 -18.00 -27.75
CA LEU A 48 15.07 -16.88 -28.62
C LEU A 48 14.12 -16.83 -29.82
N LYS A 49 13.54 -17.99 -30.16
CA LYS A 49 12.59 -18.11 -31.26
C LYS A 49 11.27 -17.44 -30.86
N LEU A 50 10.99 -17.44 -29.57
CA LEU A 50 9.80 -16.79 -29.05
C LEU A 50 10.12 -15.30 -28.97
N LYS A 51 11.38 -14.98 -28.70
CA LYS A 51 11.78 -13.58 -28.62
C LYS A 51 11.49 -13.06 -30.03
N ARG A 52 11.91 -13.83 -31.03
CA ARG A 52 11.61 -13.49 -32.41
C ARG A 52 10.09 -13.65 -32.43
N GLN A 53 9.48 -13.70 -33.62
CA GLN A 53 8.03 -13.87 -33.65
C GLN A 53 7.38 -12.59 -33.13
N SER A 54 7.48 -12.40 -31.82
CA SER A 54 6.92 -11.22 -31.18
C SER A 54 7.69 -9.97 -31.62
N THR A 55 8.64 -10.15 -32.54
CA THR A 55 9.37 -9.00 -33.04
C THR A 55 8.78 -8.75 -34.41
N LYS A 56 8.52 -9.85 -35.11
CA LYS A 56 7.95 -9.85 -36.44
C LYS A 56 6.50 -9.43 -36.30
N TYR A 57 5.89 -9.81 -35.17
CA TYR A 57 4.50 -9.46 -34.87
C TYR A 57 4.31 -7.95 -34.87
N LYS A 58 5.30 -7.24 -34.33
CA LYS A 58 5.23 -5.80 -34.25
C LYS A 58 5.56 -5.10 -35.58
N ALA A 59 6.65 -5.53 -36.23
CA ALA A 59 7.08 -4.95 -37.51
C ALA A 59 5.95 -5.05 -38.52
N ASP A 60 5.04 -6.00 -38.28
CA ASP A 60 3.89 -6.22 -39.16
C ASP A 60 2.62 -5.59 -38.59
N LYS A 61 2.72 -4.98 -37.41
CA LYS A 61 1.55 -4.38 -36.80
C LYS A 61 0.48 -5.48 -36.80
N THR A 62 0.82 -6.60 -36.20
CA THR A 62 -0.07 -7.74 -36.17
C THR A 62 -1.09 -7.68 -35.04
N TYR A 63 -0.63 -7.40 -33.83
CA TYR A 63 -1.55 -7.33 -32.71
C TYR A 63 -1.57 -5.94 -32.11
N PRO A 64 -2.44 -5.07 -32.64
CA PRO A 64 -2.64 -3.69 -32.23
C PRO A 64 -3.05 -3.59 -30.76
N THR A 65 -2.40 -2.66 -30.06
CA THR A 65 -2.63 -2.36 -28.65
C THR A 65 -3.00 -0.89 -28.59
N THR A 66 -3.86 -0.48 -29.51
CA THR A 66 -4.30 0.91 -29.62
C THR A 66 -5.13 1.40 -28.46
N VAL A 67 -6.08 0.60 -28.00
CA VAL A 67 -6.95 0.99 -26.90
C VAL A 67 -6.15 1.25 -25.62
N ALA A 68 -5.00 0.61 -25.52
CA ALA A 68 -4.15 0.77 -24.34
C ALA A 68 -3.27 2.00 -24.44
N GLU A 69 -3.16 2.54 -25.66
CA GLU A 69 -2.35 3.70 -25.93
C GLU A 69 -3.14 5.00 -25.89
N LYS A 70 -4.46 4.87 -25.76
CA LYS A 70 -5.33 6.03 -25.69
C LYS A 70 -4.81 6.94 -24.59
N PRO A 71 -4.77 8.25 -24.84
CA PRO A 71 -4.27 9.19 -23.84
C PRO A 71 -4.94 9.04 -22.48
N LYS A 72 -6.20 8.61 -22.47
CA LYS A 72 -6.93 8.44 -21.22
C LYS A 72 -6.71 7.11 -20.50
N ASN A 73 -5.64 6.41 -20.84
CA ASN A 73 -5.37 5.13 -20.19
C ASN A 73 -3.90 4.99 -19.82
N ILE A 74 -3.11 6.00 -20.17
CA ILE A 74 -1.67 6.00 -19.88
C ILE A 74 -1.36 5.67 -18.43
N LYS A 75 -2.29 6.01 -17.53
CA LYS A 75 -2.12 5.76 -16.11
C LYS A 75 -2.81 4.49 -15.61
N LYS A 76 -3.16 3.62 -16.54
CA LYS A 76 -3.80 2.37 -16.21
C LYS A 76 -2.87 1.20 -16.55
N ASN A 77 -1.70 1.53 -17.10
CA ASN A 77 -0.72 0.54 -17.48
C ASN A 77 0.48 0.66 -16.56
N ARG A 78 0.88 -0.45 -15.93
CA ARG A 78 2.03 -0.43 -15.03
C ARG A 78 3.37 -0.28 -15.74
N TYR A 79 3.43 -0.64 -17.01
CA TYR A 79 4.64 -0.49 -17.81
C TYR A 79 4.18 -0.05 -19.20
N LYS A 80 4.90 0.88 -19.82
CA LYS A 80 4.50 1.38 -21.14
C LYS A 80 4.70 0.39 -22.28
N ASP A 81 5.68 -0.50 -22.16
CA ASP A 81 5.94 -1.47 -23.24
C ASP A 81 5.28 -2.84 -23.04
N ILE A 82 4.24 -2.87 -22.21
CA ILE A 82 3.51 -4.09 -21.93
C ILE A 82 2.04 -3.70 -22.06
N LEU A 83 1.51 -3.73 -23.27
CA LEU A 83 0.12 -3.35 -23.48
C LEU A 83 -0.74 -4.49 -23.95
N PRO A 84 -1.96 -4.58 -23.43
CA PRO A 84 -2.83 -5.68 -23.85
C PRO A 84 -3.15 -5.60 -25.32
N TYR A 85 -3.24 -6.75 -25.95
CA TYR A 85 -3.60 -6.82 -27.35
C TYR A 85 -5.04 -6.37 -27.38
N ASP A 86 -5.46 -5.69 -28.44
CA ASP A 86 -6.86 -5.27 -28.52
C ASP A 86 -7.76 -6.50 -28.66
N TYR A 87 -7.58 -7.23 -29.76
CA TYR A 87 -8.38 -8.39 -30.06
C TYR A 87 -8.64 -9.29 -28.87
N SER A 88 -7.67 -9.42 -27.98
CA SER A 88 -7.83 -10.27 -26.80
C SER A 88 -8.20 -9.55 -25.49
N ARG A 89 -7.99 -8.23 -25.43
CA ARG A 89 -8.26 -7.43 -24.23
C ARG A 89 -9.60 -7.71 -23.57
N VAL A 90 -9.63 -7.65 -22.26
CA VAL A 90 -10.87 -7.87 -21.55
C VAL A 90 -11.51 -6.50 -21.50
N GLU A 91 -12.75 -6.43 -21.96
CA GLU A 91 -13.50 -5.18 -22.02
C GLU A 91 -14.54 -5.11 -20.92
N LEU A 92 -14.41 -4.10 -20.07
CA LEU A 92 -15.35 -3.92 -18.97
C LEU A 92 -16.59 -3.19 -19.49
N SER A 93 -17.77 -3.68 -19.10
CA SER A 93 -19.03 -3.08 -19.50
C SER A 93 -19.67 -2.54 -18.23
N LEU A 94 -19.41 -3.24 -17.13
CA LEU A 94 -19.93 -2.89 -15.83
C LEU A 94 -19.45 -1.49 -15.47
N ILE A 95 -20.37 -0.53 -15.49
CA ILE A 95 -20.04 0.85 -15.18
C ILE A 95 -20.60 1.23 -13.81
N THR A 96 -19.77 1.86 -12.99
CA THR A 96 -20.18 2.28 -11.67
C THR A 96 -20.01 3.80 -11.51
N SER A 97 -19.83 4.49 -12.62
CA SER A 97 -19.61 5.93 -12.56
C SER A 97 -19.50 6.59 -13.95
N ASP A 98 -19.57 7.91 -13.95
CA ASP A 98 -19.50 8.69 -15.19
C ASP A 98 -18.04 8.83 -15.62
N GLU A 99 -17.19 7.98 -15.07
CA GLU A 99 -15.77 8.03 -15.40
C GLU A 99 -15.17 6.67 -15.72
N ASP A 100 -15.84 5.61 -15.29
CA ASP A 100 -15.35 4.26 -15.55
C ASP A 100 -15.28 4.03 -17.05
N SER A 101 -14.13 3.62 -17.55
CA SER A 101 -14.01 3.34 -18.98
C SER A 101 -14.07 1.83 -19.16
N SER A 102 -13.91 1.38 -20.38
CA SER A 102 -13.96 -0.04 -20.66
C SER A 102 -12.54 -0.60 -20.65
N TYR A 103 -11.62 0.07 -19.97
CA TYR A 103 -10.24 -0.37 -20.02
C TYR A 103 -9.53 -0.93 -18.79
N ILE A 104 -8.77 -1.99 -19.04
CA ILE A 104 -7.92 -2.60 -18.02
C ILE A 104 -6.88 -3.45 -18.71
N ASN A 105 -5.66 -3.44 -18.18
CA ASN A 105 -4.57 -4.26 -18.74
C ASN A 105 -5.00 -5.65 -18.36
N ALA A 106 -5.53 -6.40 -19.32
CA ALA A 106 -6.01 -7.73 -19.07
C ALA A 106 -6.28 -8.39 -20.40
N ASN A 107 -6.02 -9.69 -20.47
CA ASN A 107 -6.20 -10.44 -21.69
C ASN A 107 -6.85 -11.78 -21.37
N PHE A 108 -7.60 -12.29 -22.34
CA PHE A 108 -8.27 -13.55 -22.18
C PHE A 108 -7.37 -14.60 -22.75
N ILE A 109 -7.14 -15.65 -21.96
CA ILE A 109 -6.31 -16.74 -22.43
C ILE A 109 -7.26 -17.91 -22.54
N LYS A 110 -7.21 -18.62 -23.66
CA LYS A 110 -8.09 -19.76 -23.88
C LYS A 110 -7.59 -20.96 -23.10
N GLY A 111 -8.51 -21.83 -22.70
CA GLY A 111 -8.13 -23.01 -21.96
C GLY A 111 -7.97 -24.19 -22.90
N VAL A 112 -8.27 -25.37 -22.39
CA VAL A 112 -8.19 -26.60 -23.18
C VAL A 112 -9.36 -26.74 -24.16
N TYR A 113 -10.54 -26.27 -23.74
CA TYR A 113 -11.76 -26.38 -24.56
C TYR A 113 -12.17 -25.09 -25.29
N GLY A 114 -11.73 -23.93 -24.80
CA GLY A 114 -12.10 -22.67 -25.44
C GLY A 114 -11.53 -21.42 -24.80
N PRO A 115 -12.03 -20.23 -25.18
CA PRO A 115 -11.56 -18.95 -24.63
C PRO A 115 -12.18 -18.58 -23.30
N LYS A 116 -11.76 -17.43 -22.77
CA LYS A 116 -12.27 -16.92 -21.50
C LYS A 116 -11.99 -17.90 -20.38
N ALA A 117 -10.95 -18.70 -20.56
CA ALA A 117 -10.55 -19.69 -19.56
C ALA A 117 -9.66 -19.01 -18.52
N TYR A 118 -8.72 -18.22 -19.01
CA TYR A 118 -7.77 -17.51 -18.19
C TYR A 118 -7.91 -16.00 -18.42
N ILE A 119 -7.57 -15.23 -17.39
CA ILE A 119 -7.56 -13.76 -17.47
C ILE A 119 -6.20 -13.35 -16.92
N ALA A 120 -5.27 -13.05 -17.80
CA ALA A 120 -3.95 -12.64 -17.37
C ALA A 120 -3.96 -11.13 -17.14
N THR A 121 -3.56 -10.69 -15.94
CA THR A 121 -3.55 -9.27 -15.63
C THR A 121 -2.34 -8.81 -14.81
N GLN A 122 -2.09 -7.50 -14.83
CA GLN A 122 -1.00 -6.93 -14.07
C GLN A 122 -1.48 -6.68 -12.63
N GLY A 123 -0.55 -6.50 -11.71
CA GLY A 123 -0.94 -6.20 -10.35
C GLY A 123 -1.65 -4.87 -10.49
N PRO A 124 -2.80 -4.67 -9.82
CA PRO A 124 -3.44 -3.37 -10.00
C PRO A 124 -2.68 -2.20 -9.41
N LEU A 125 -2.96 -1.01 -9.93
CA LEU A 125 -2.35 0.21 -9.43
C LEU A 125 -3.37 0.90 -8.53
N SER A 126 -2.96 1.93 -7.82
CA SER A 126 -3.88 2.63 -6.94
C SER A 126 -5.10 3.09 -7.72
N THR A 127 -4.88 3.38 -9.01
CA THR A 127 -5.93 3.86 -9.89
C THR A 127 -6.64 2.80 -10.73
N THR A 128 -6.41 1.53 -10.43
CA THR A 128 -7.09 0.46 -11.17
C THR A 128 -7.70 -0.60 -10.24
N LEU A 129 -7.77 -0.31 -8.95
CA LEU A 129 -8.36 -1.25 -8.00
C LEU A 129 -9.80 -1.47 -8.35
N LEU A 130 -10.54 -0.36 -8.41
CA LEU A 130 -11.96 -0.39 -8.76
C LEU A 130 -12.13 -1.04 -10.11
N ASP A 131 -11.23 -0.76 -11.04
CA ASP A 131 -11.35 -1.35 -12.36
C ASP A 131 -11.14 -2.83 -12.16
N PHE A 132 -10.18 -3.16 -11.30
CA PHE A 132 -9.86 -4.53 -11.00
C PHE A 132 -11.07 -5.26 -10.50
N TRP A 133 -11.66 -4.77 -9.43
CA TRP A 133 -12.83 -5.43 -8.88
C TRP A 133 -14.05 -5.49 -9.82
N ARG A 134 -14.25 -4.49 -10.66
CA ARG A 134 -15.38 -4.53 -11.58
C ARG A 134 -15.18 -5.80 -12.41
N MET A 135 -14.01 -5.90 -13.03
CA MET A 135 -13.73 -7.06 -13.87
C MET A 135 -14.03 -8.38 -13.15
N ILE A 136 -13.38 -8.61 -12.03
CA ILE A 136 -13.59 -9.82 -11.25
C ILE A 136 -15.07 -10.10 -11.20
N TRP A 137 -15.82 -9.06 -10.85
CA TRP A 137 -17.27 -9.14 -10.72
C TRP A 137 -18.01 -9.32 -12.05
N GLU A 138 -17.76 -8.45 -13.01
CA GLU A 138 -18.48 -8.56 -14.25
C GLU A 138 -18.31 -9.90 -14.97
N TYR A 139 -17.24 -10.62 -14.67
CA TYR A 139 -17.03 -11.91 -15.32
C TYR A 139 -17.25 -13.13 -14.44
N SER A 140 -17.65 -12.88 -13.21
CA SER A 140 -17.94 -13.96 -12.28
C SER A 140 -16.75 -14.78 -11.83
N VAL A 141 -15.57 -14.16 -11.87
CA VAL A 141 -14.32 -14.81 -11.47
C VAL A 141 -14.43 -15.31 -10.03
N LEU A 142 -14.10 -16.58 -9.81
CA LEU A 142 -14.20 -17.13 -8.47
C LEU A 142 -12.82 -17.37 -7.86
N ILE A 143 -11.79 -17.36 -8.70
CA ILE A 143 -10.45 -17.62 -8.21
C ILE A 143 -9.38 -16.65 -8.66
N ILE A 144 -8.68 -16.07 -7.68
CA ILE A 144 -7.62 -15.13 -7.94
C ILE A 144 -6.25 -15.66 -7.51
N VAL A 145 -5.39 -15.90 -8.49
CA VAL A 145 -4.03 -16.37 -8.21
C VAL A 145 -3.04 -15.22 -8.44
N MET A 146 -2.53 -14.67 -7.34
CA MET A 146 -1.58 -13.59 -7.38
C MET A 146 -0.18 -14.17 -7.17
N ALA A 147 0.68 -14.06 -8.19
CA ALA A 147 2.05 -14.60 -8.11
C ALA A 147 3.16 -13.60 -7.77
N CYS A 148 2.91 -12.76 -6.77
CA CYS A 148 3.88 -11.74 -6.33
C CYS A 148 3.78 -11.49 -4.82
N MET A 149 4.58 -10.54 -4.35
CA MET A 149 4.58 -10.13 -2.95
C MET A 149 4.38 -8.61 -3.06
N GLU A 150 3.67 -8.01 -2.11
CA GLU A 150 3.47 -6.57 -2.15
C GLU A 150 4.82 -5.97 -2.52
N TYR A 151 5.86 -6.44 -1.84
CA TYR A 151 7.21 -5.95 -2.08
C TYR A 151 8.16 -7.08 -2.39
N GLU A 152 8.98 -6.88 -3.41
CA GLU A 152 9.94 -7.89 -3.82
C GLU A 152 11.24 -7.21 -4.17
N MET A 153 12.25 -7.47 -3.35
CA MET A 153 13.55 -6.88 -3.59
C MET A 153 13.48 -5.36 -3.42
N GLY A 154 13.01 -4.94 -2.24
CA GLY A 154 12.89 -3.53 -1.91
C GLY A 154 12.09 -2.71 -2.90
N LYS A 155 11.13 -3.34 -3.57
CA LYS A 155 10.34 -2.62 -4.56
C LYS A 155 8.84 -2.92 -4.57
N LYS A 156 8.06 -1.92 -4.93
CA LYS A 156 6.61 -2.05 -5.00
C LYS A 156 6.23 -2.82 -6.28
N LYS A 157 5.40 -3.85 -6.13
CA LYS A 157 4.96 -4.66 -7.26
C LYS A 157 3.44 -4.71 -7.41
N CYS A 158 2.73 -4.53 -6.30
CA CYS A 158 1.28 -4.59 -6.34
C CYS A 158 0.58 -3.68 -5.29
N GLU A 159 -0.56 -3.13 -5.69
CA GLU A 159 -1.36 -2.30 -4.79
C GLU A 159 -2.39 -3.24 -4.17
N ARG A 160 -2.57 -3.19 -2.85
CA ARG A 160 -3.54 -4.09 -2.23
C ARG A 160 -4.95 -3.94 -2.78
N TYR A 161 -5.54 -5.07 -3.11
CA TYR A 161 -6.89 -5.09 -3.60
C TYR A 161 -7.64 -6.05 -2.69
N TRP A 162 -6.90 -6.87 -1.96
CA TRP A 162 -7.50 -7.85 -1.09
C TRP A 162 -7.61 -7.37 0.35
N ALA A 163 -8.45 -8.07 1.12
CA ALA A 163 -8.69 -7.72 2.52
C ALA A 163 -7.95 -8.68 3.45
N GLU A 164 -7.44 -8.17 4.56
CA GLU A 164 -6.72 -9.00 5.52
C GLU A 164 -7.60 -9.21 6.75
N PRO A 165 -7.65 -10.45 7.28
CA PRO A 165 -8.46 -10.80 8.45
C PRO A 165 -8.10 -9.96 9.67
N GLY A 166 -9.13 -9.52 10.39
CA GLY A 166 -8.95 -8.70 11.57
C GLY A 166 -9.34 -7.28 11.24
N GLU A 167 -9.04 -6.90 9.99
CA GLU A 167 -9.34 -5.58 9.47
C GLU A 167 -10.83 -5.36 9.24
N MET A 168 -11.20 -4.09 9.07
CA MET A 168 -12.57 -3.69 8.79
C MET A 168 -12.65 -3.83 7.28
N GLN A 169 -13.83 -3.71 6.71
CA GLN A 169 -13.96 -3.83 5.26
C GLN A 169 -13.16 -2.75 4.54
N LEU A 170 -12.81 -3.00 3.28
CA LEU A 170 -12.05 -2.06 2.47
C LEU A 170 -12.87 -1.76 1.24
N GLU A 171 -13.37 -0.53 1.13
CA GLU A 171 -14.20 -0.13 -0.01
C GLU A 171 -13.41 0.34 -1.22
N PHE A 172 -13.69 -0.25 -2.37
CA PHE A 172 -13.03 0.12 -3.61
C PHE A 172 -14.11 0.62 -4.57
N GLY A 173 -14.59 1.83 -4.33
CA GLY A 173 -15.66 2.38 -5.14
C GLY A 173 -16.93 1.89 -4.46
N PRO A 174 -17.71 1.01 -5.12
CA PRO A 174 -18.94 0.48 -4.55
C PRO A 174 -18.79 -0.97 -4.07
N PHE A 175 -17.57 -1.53 -4.21
CA PHE A 175 -17.29 -2.90 -3.81
C PHE A 175 -16.67 -3.03 -2.43
N SER A 176 -17.30 -3.84 -1.60
CA SER A 176 -16.86 -4.10 -0.24
C SER A 176 -16.07 -5.40 -0.15
N VAL A 177 -14.76 -5.28 0.05
CA VAL A 177 -13.93 -6.46 0.14
C VAL A 177 -13.61 -6.82 1.58
N SER A 178 -13.95 -8.04 1.96
CA SER A 178 -13.71 -8.51 3.31
C SER A 178 -12.96 -9.84 3.33
N CYS A 179 -12.46 -10.22 4.50
CA CYS A 179 -11.78 -11.50 4.63
C CYS A 179 -12.32 -12.27 5.82
N GLU A 180 -12.74 -13.51 5.58
CA GLU A 180 -13.28 -14.37 6.63
C GLU A 180 -12.18 -15.22 7.27
N ALA A 181 -11.40 -15.92 6.43
CA ALA A 181 -10.31 -16.74 6.92
C ALA A 181 -9.23 -16.88 5.85
N GLU A 182 -8.13 -17.52 6.22
CA GLU A 182 -7.04 -17.75 5.27
C GLU A 182 -6.05 -18.83 5.67
N LYS A 183 -6.03 -19.91 4.90
CA LYS A 183 -5.12 -21.02 5.17
C LYS A 183 -3.71 -20.59 4.79
N ARG A 184 -2.77 -20.77 5.70
CA ARG A 184 -1.40 -20.37 5.45
C ARG A 184 -0.48 -21.55 5.33
N LYS A 185 -0.17 -21.94 4.09
CA LYS A 185 0.72 -23.06 3.84
C LYS A 185 2.18 -22.61 3.78
N SER A 186 3.07 -23.54 3.46
CA SER A 186 4.49 -23.25 3.40
C SER A 186 4.93 -22.22 2.36
N ASP A 187 4.38 -22.28 1.15
CA ASP A 187 4.80 -21.33 0.12
C ASP A 187 3.73 -20.38 -0.42
N TYR A 188 2.49 -20.53 0.05
CA TYR A 188 1.41 -19.67 -0.42
C TYR A 188 0.25 -19.61 0.54
N ILE A 189 -0.52 -18.53 0.44
CA ILE A 189 -1.67 -18.27 1.29
C ILE A 189 -3.01 -18.38 0.54
N ILE A 190 -4.02 -18.91 1.21
CA ILE A 190 -5.35 -19.04 0.63
C ILE A 190 -6.27 -18.07 1.33
N ARG A 191 -6.67 -17.01 0.64
CA ARG A 191 -7.55 -16.03 1.24
C ARG A 191 -8.98 -16.13 0.75
N THR A 192 -9.88 -16.46 1.66
CA THR A 192 -11.28 -16.54 1.32
C THR A 192 -11.77 -15.10 1.53
N LEU A 193 -12.20 -14.48 0.44
CA LEU A 193 -12.69 -13.10 0.46
C LEU A 193 -14.17 -12.98 0.21
N LYS A 194 -14.82 -12.04 0.89
CA LYS A 194 -16.25 -11.82 0.71
C LYS A 194 -16.41 -10.45 0.08
N VAL A 195 -16.87 -10.43 -1.18
CA VAL A 195 -17.06 -9.19 -1.95
C VAL A 195 -18.51 -8.75 -2.07
N LYS A 196 -18.89 -7.75 -1.27
CA LYS A 196 -20.25 -7.24 -1.29
C LYS A 196 -20.29 -6.05 -2.22
N PHE A 197 -20.86 -6.22 -3.41
CA PHE A 197 -20.97 -5.13 -4.36
C PHE A 197 -22.12 -4.22 -3.94
N ASN A 198 -23.35 -4.69 -4.14
CA ASN A 198 -24.50 -3.90 -3.74
C ASN A 198 -24.90 -4.44 -2.39
N SER A 199 -25.99 -5.18 -2.36
CA SER A 199 -26.39 -5.81 -1.12
C SER A 199 -26.17 -7.28 -1.44
N GLU A 200 -25.57 -7.50 -2.62
CA GLU A 200 -25.23 -8.82 -3.16
C GLU A 200 -23.85 -9.24 -2.64
N THR A 201 -23.70 -10.52 -2.30
CA THR A 201 -22.42 -11.02 -1.77
C THR A 201 -21.91 -12.26 -2.48
N ARG A 202 -20.67 -12.17 -2.95
CA ARG A 202 -20.00 -13.29 -3.64
C ARG A 202 -18.77 -13.69 -2.84
N THR A 203 -18.35 -14.93 -3.00
CA THR A 203 -17.16 -15.40 -2.29
C THR A 203 -16.05 -15.72 -3.25
N ILE A 204 -14.96 -14.97 -3.16
CA ILE A 204 -13.80 -15.19 -4.02
C ILE A 204 -12.69 -15.87 -3.22
N TYR A 205 -11.83 -16.60 -3.91
CA TYR A 205 -10.74 -17.27 -3.23
C TYR A 205 -9.41 -16.80 -3.77
N GLN A 206 -8.67 -16.06 -2.94
CA GLN A 206 -7.36 -15.57 -3.36
C GLN A 206 -6.20 -16.49 -2.97
N PHE A 207 -5.51 -16.98 -3.98
CA PHE A 207 -4.33 -17.81 -3.76
C PHE A 207 -3.11 -16.92 -3.96
N HIS A 208 -2.64 -16.28 -2.88
CA HIS A 208 -1.45 -15.42 -2.99
C HIS A 208 -0.16 -16.23 -2.84
N TYR A 209 0.60 -16.35 -3.93
CA TYR A 209 1.85 -17.11 -3.95
C TYR A 209 3.11 -16.25 -3.69
N LYS A 210 3.57 -16.21 -2.43
CA LYS A 210 4.73 -15.40 -2.07
C LYS A 210 6.02 -15.85 -2.75
N ASN A 211 6.68 -16.82 -2.15
CA ASN A 211 7.94 -17.34 -2.67
C ASN A 211 7.78 -17.86 -4.10
N TRP A 212 8.83 -17.72 -4.91
CA TRP A 212 8.80 -18.23 -6.28
C TRP A 212 9.95 -19.22 -6.45
N PRO A 213 9.65 -20.43 -6.95
CA PRO A 213 10.63 -21.49 -7.18
C PRO A 213 11.25 -21.37 -8.56
N ASP A 214 12.51 -20.92 -8.63
CA ASP A 214 13.17 -20.75 -9.93
C ASP A 214 13.27 -22.05 -10.73
N HIS A 215 14.04 -22.01 -11.82
CA HIS A 215 14.19 -23.15 -12.73
C HIS A 215 15.10 -24.32 -12.33
N ASP A 216 16.41 -24.15 -12.52
CA ASP A 216 17.37 -25.21 -12.24
C ASP A 216 17.36 -25.77 -10.81
N VAL A 217 16.28 -25.54 -10.09
CA VAL A 217 16.15 -26.08 -8.74
C VAL A 217 14.96 -27.04 -8.83
N PRO A 218 15.13 -28.17 -9.55
CA PRO A 218 14.16 -29.23 -9.79
C PRO A 218 13.31 -29.69 -8.61
N SER A 219 13.62 -29.17 -7.44
CA SER A 219 12.89 -29.55 -6.22
C SER A 219 11.97 -28.44 -5.76
N SER A 220 12.34 -27.21 -6.06
CA SER A 220 11.56 -26.05 -5.67
C SER A 220 10.27 -25.92 -6.49
N ILE A 221 10.16 -26.69 -7.58
CA ILE A 221 8.99 -26.61 -8.43
C ILE A 221 7.76 -27.15 -7.73
N ASP A 222 7.90 -28.32 -7.13
CA ASP A 222 6.81 -29.00 -6.43
C ASP A 222 5.68 -28.10 -5.89
N PRO A 223 6.00 -27.11 -5.04
CA PRO A 223 4.95 -26.25 -4.51
C PRO A 223 4.10 -25.60 -5.58
N ILE A 224 4.69 -25.25 -6.72
CA ILE A 224 3.88 -24.64 -7.76
C ILE A 224 2.77 -25.61 -8.13
N LEU A 225 3.10 -26.89 -8.25
CA LEU A 225 2.07 -27.88 -8.58
C LEU A 225 1.11 -27.96 -7.40
N GLU A 226 1.63 -27.75 -6.20
CA GLU A 226 0.81 -27.76 -4.99
C GLU A 226 -0.34 -26.80 -5.25
N LEU A 227 0.03 -25.59 -5.69
CA LEU A 227 -0.94 -24.54 -5.99
C LEU A 227 -1.95 -24.92 -7.08
N ILE A 228 -1.44 -25.19 -8.30
CA ILE A 228 -2.29 -25.54 -9.43
C ILE A 228 -3.31 -26.63 -9.10
N TRP A 229 -2.91 -27.58 -8.27
CA TRP A 229 -3.79 -28.67 -7.85
C TRP A 229 -4.81 -28.10 -6.88
N ASP A 230 -4.31 -27.32 -5.92
CA ASP A 230 -5.15 -26.69 -4.91
C ASP A 230 -6.16 -25.78 -5.59
N VAL A 231 -5.68 -24.96 -6.53
CA VAL A 231 -6.54 -24.06 -7.29
C VAL A 231 -7.64 -24.90 -7.92
N ARG A 232 -7.22 -25.87 -8.74
CA ARG A 232 -8.14 -26.76 -9.45
C ARG A 232 -9.02 -27.60 -8.55
N CYS A 233 -8.78 -27.50 -7.25
CA CYS A 233 -9.58 -28.23 -6.28
C CYS A 233 -10.80 -27.39 -5.97
N TYR A 234 -10.67 -26.08 -6.19
CA TYR A 234 -11.73 -25.13 -5.95
C TYR A 234 -12.55 -24.93 -7.22
N GLN A 235 -11.87 -24.76 -8.34
CA GLN A 235 -12.59 -24.57 -9.60
C GLN A 235 -11.98 -25.41 -10.71
N GLU A 236 -12.81 -26.19 -11.39
CA GLU A 236 -12.38 -27.02 -12.50
C GLU A 236 -13.32 -26.79 -13.67
N ASP A 237 -14.34 -27.64 -13.77
CA ASP A 237 -15.33 -27.53 -14.83
C ASP A 237 -16.29 -26.40 -14.47
N ASP A 238 -15.81 -25.18 -14.63
CA ASP A 238 -16.60 -23.98 -14.37
C ASP A 238 -16.42 -23.04 -15.55
N SER A 239 -17.50 -22.41 -15.97
CA SER A 239 -17.45 -21.51 -17.11
C SER A 239 -16.50 -20.35 -16.84
N VAL A 240 -16.58 -19.82 -15.63
CA VAL A 240 -15.77 -18.67 -15.22
C VAL A 240 -14.26 -18.82 -15.26
N PRO A 241 -13.58 -17.73 -15.65
CA PRO A 241 -12.12 -17.68 -15.75
C PRO A 241 -11.44 -17.53 -14.40
N ILE A 242 -10.15 -17.85 -14.36
CA ILE A 242 -9.37 -17.69 -13.14
C ILE A 242 -8.51 -16.46 -13.41
N CYS A 243 -8.65 -15.47 -12.54
CA CYS A 243 -7.88 -14.26 -12.74
C CYS A 243 -6.53 -14.59 -12.21
N ILE A 244 -5.52 -14.38 -13.05
CA ILE A 244 -4.18 -14.66 -12.65
C ILE A 244 -3.31 -13.47 -12.95
N HIS A 245 -2.59 -13.01 -11.95
CA HIS A 245 -1.75 -11.86 -12.13
C HIS A 245 -0.49 -11.94 -11.31
N CYS A 246 0.56 -11.37 -11.85
CA CYS A 246 1.81 -11.27 -11.13
C CYS A 246 1.94 -9.75 -11.01
N SER A 247 3.06 -9.17 -11.41
CA SER A 247 3.14 -7.73 -11.34
C SER A 247 2.74 -7.17 -12.72
N ALA A 248 3.57 -7.42 -13.73
CA ALA A 248 3.31 -6.96 -15.09
C ALA A 248 2.40 -7.92 -15.86
N GLY A 249 1.87 -8.91 -15.15
CA GLY A 249 0.97 -9.85 -15.79
C GLY A 249 1.52 -10.70 -16.92
N CYS A 250 2.83 -10.82 -17.07
CA CYS A 250 3.33 -11.66 -18.15
C CYS A 250 4.42 -12.66 -17.78
N GLY A 251 5.25 -12.33 -16.80
CA GLY A 251 6.28 -13.27 -16.41
C GLY A 251 5.78 -14.54 -15.75
N ARG A 252 5.59 -14.50 -14.44
CA ARG A 252 5.12 -15.69 -13.72
C ARG A 252 3.69 -16.05 -14.09
N THR A 253 2.92 -15.06 -14.53
CA THR A 253 1.54 -15.28 -14.93
C THR A 253 1.44 -16.30 -16.07
N GLY A 254 2.34 -16.19 -17.06
CA GLY A 254 2.30 -17.13 -18.15
C GLY A 254 2.61 -18.55 -17.70
N VAL A 255 3.61 -18.69 -16.83
CA VAL A 255 4.03 -19.99 -16.31
C VAL A 255 2.85 -20.76 -15.69
N ILE A 256 2.18 -20.14 -14.71
CA ILE A 256 1.04 -20.77 -14.07
C ILE A 256 -0.03 -21.21 -15.08
N CYS A 257 -0.26 -20.38 -16.10
CA CYS A 257 -1.24 -20.68 -17.15
C CYS A 257 -0.77 -21.81 -18.05
N ALA A 258 0.45 -21.69 -18.55
CA ALA A 258 1.01 -22.71 -19.42
C ALA A 258 1.00 -24.04 -18.70
N ILE A 259 1.46 -24.03 -17.45
CA ILE A 259 1.54 -25.23 -16.63
C ILE A 259 0.16 -25.74 -16.34
N ASP A 260 -0.70 -24.86 -15.84
CA ASP A 260 -2.05 -25.26 -15.53
C ASP A 260 -2.72 -25.87 -16.75
N TYR A 261 -2.41 -25.32 -17.91
CA TYR A 261 -2.97 -25.75 -19.16
C TYR A 261 -2.48 -27.13 -19.61
N THR A 262 -1.21 -27.42 -19.40
CA THR A 262 -0.67 -28.72 -19.79
C THR A 262 -1.15 -29.81 -18.85
N TRP A 263 -1.32 -29.46 -17.59
CA TRP A 263 -1.76 -30.42 -16.60
C TRP A 263 -3.25 -30.70 -16.74
N MET A 264 -4.01 -29.71 -17.21
CA MET A 264 -5.44 -29.88 -17.44
C MET A 264 -5.56 -30.79 -18.65
N LEU A 265 -4.56 -30.73 -19.52
CA LEU A 265 -4.54 -31.58 -20.71
C LEU A 265 -4.20 -32.97 -20.21
N LEU A 266 -3.13 -33.04 -19.42
CA LEU A 266 -2.65 -34.30 -18.85
C LEU A 266 -3.76 -34.94 -18.05
N LYS A 267 -4.59 -34.11 -17.40
CA LYS A 267 -5.70 -34.61 -16.61
C LYS A 267 -6.79 -35.24 -17.45
N ASP A 268 -6.68 -35.10 -18.77
CA ASP A 268 -7.69 -35.68 -19.66
C ASP A 268 -7.02 -36.50 -20.75
N GLY A 269 -5.71 -36.71 -20.62
CA GLY A 269 -4.94 -37.48 -21.59
C GLY A 269 -5.11 -36.93 -23.00
N ILE A 270 -5.88 -35.85 -23.09
CA ILE A 270 -6.19 -35.16 -24.34
C ILE A 270 -4.95 -34.49 -24.92
N ILE A 271 -3.81 -34.71 -24.27
CA ILE A 271 -2.55 -34.13 -24.71
C ILE A 271 -2.41 -34.33 -26.21
N PRO A 272 -2.12 -33.24 -26.95
CA PRO A 272 -1.97 -33.43 -28.39
C PRO A 272 -0.75 -34.32 -28.62
N GLU A 273 -0.81 -35.17 -29.64
CA GLU A 273 0.28 -36.09 -29.91
C GLU A 273 1.61 -35.38 -30.11
N ASN A 274 1.57 -34.28 -30.85
CA ASN A 274 2.77 -33.51 -31.13
C ASN A 274 2.94 -32.39 -30.11
N PHE A 275 2.24 -32.50 -28.98
CA PHE A 275 2.33 -31.48 -27.95
C PHE A 275 3.75 -31.00 -27.74
N SER A 276 3.88 -29.77 -27.25
CA SER A 276 5.18 -29.18 -27.00
C SER A 276 5.04 -27.97 -26.10
N VAL A 277 6.02 -27.80 -25.21
CA VAL A 277 6.03 -26.66 -24.31
C VAL A 277 6.22 -25.43 -25.18
N PHE A 278 6.99 -25.59 -26.25
CA PHE A 278 7.25 -24.49 -27.15
C PHE A 278 5.94 -24.04 -27.78
N SER A 279 5.32 -24.95 -28.51
CA SER A 279 4.05 -24.67 -29.20
C SER A 279 3.07 -23.93 -28.29
N LEU A 280 2.85 -24.48 -27.10
CA LEU A 280 1.94 -23.91 -26.11
C LEU A 280 2.22 -22.44 -25.79
N ILE A 281 3.47 -22.12 -25.50
CA ILE A 281 3.86 -20.76 -25.16
C ILE A 281 3.67 -19.85 -26.36
N ARG A 282 3.94 -20.37 -27.54
CA ARG A 282 3.82 -19.60 -28.77
C ARG A 282 2.48 -18.89 -28.94
N GLU A 283 1.42 -19.68 -28.92
CA GLU A 283 0.08 -19.18 -29.08
C GLU A 283 -0.41 -18.47 -27.83
N MET A 284 0.00 -18.97 -26.68
CA MET A 284 -0.40 -18.31 -25.46
C MET A 284 0.17 -16.90 -25.59
N ARG A 285 1.33 -16.82 -26.26
CA ARG A 285 2.02 -15.56 -26.52
C ARG A 285 1.34 -14.78 -27.63
N THR A 286 0.23 -15.32 -28.13
CA THR A 286 -0.55 -14.67 -29.17
C THR A 286 -1.65 -13.86 -28.52
N GLN A 287 -2.02 -14.24 -27.29
CA GLN A 287 -3.09 -13.56 -26.55
C GLN A 287 -2.59 -12.37 -25.73
N ARG A 288 -1.41 -12.53 -25.14
CA ARG A 288 -0.84 -11.45 -24.36
C ARG A 288 0.62 -11.37 -24.71
N PRO A 289 1.13 -10.15 -24.97
CA PRO A 289 2.53 -9.95 -25.34
C PRO A 289 3.50 -10.50 -24.29
N SER A 290 4.48 -11.26 -24.75
CA SER A 290 5.48 -11.81 -23.84
C SER A 290 4.92 -12.58 -22.63
N LEU A 291 4.01 -13.54 -22.85
CA LEU A 291 3.40 -14.29 -21.77
C LEU A 291 4.33 -15.08 -20.86
N VAL A 292 5.58 -15.17 -21.28
CA VAL A 292 6.63 -15.84 -20.52
C VAL A 292 7.81 -15.03 -21.04
N GLN A 293 8.35 -14.15 -20.18
CA GLN A 293 9.42 -13.25 -20.62
C GLN A 293 10.90 -13.56 -20.33
N THR A 294 11.19 -14.67 -19.65
CA THR A 294 12.58 -15.01 -19.36
C THR A 294 12.80 -16.49 -19.64
N GLN A 295 14.02 -16.85 -20.06
CA GLN A 295 14.35 -18.23 -20.36
C GLN A 295 14.14 -19.12 -19.15
N GLU A 296 14.50 -18.59 -17.99
CA GLU A 296 14.34 -19.32 -16.75
C GLU A 296 12.88 -19.72 -16.65
N GLN A 297 12.00 -18.76 -16.85
CA GLN A 297 10.56 -19.01 -16.80
C GLN A 297 10.16 -20.03 -17.84
N TYR A 298 10.78 -19.96 -19.01
CA TYR A 298 10.46 -20.90 -20.08
C TYR A 298 10.85 -22.33 -19.69
N GLU A 299 12.00 -22.47 -19.03
CA GLU A 299 12.48 -23.77 -18.61
C GLU A 299 11.68 -24.35 -17.45
N LEU A 300 11.29 -23.51 -16.51
CA LEU A 300 10.51 -23.99 -15.38
C LEU A 300 9.21 -24.54 -15.94
N VAL A 301 8.61 -23.80 -16.88
CA VAL A 301 7.36 -24.24 -17.50
C VAL A 301 7.58 -25.67 -17.99
N TYR A 302 8.78 -25.90 -18.49
CA TYR A 302 9.15 -27.19 -19.01
C TYR A 302 9.37 -28.31 -17.97
N ASN A 303 10.33 -28.14 -17.07
CA ASN A 303 10.60 -29.16 -16.06
C ASN A 303 9.32 -29.42 -15.25
N ALA A 304 8.41 -28.46 -15.28
CA ALA A 304 7.16 -28.57 -14.54
C ALA A 304 6.16 -29.48 -15.25
N VAL A 305 6.22 -29.54 -16.57
CA VAL A 305 5.32 -30.40 -17.34
C VAL A 305 5.87 -31.81 -17.20
N LEU A 306 7.18 -31.90 -17.32
CA LEU A 306 7.90 -33.16 -17.20
C LEU A 306 7.54 -33.91 -15.92
N GLU A 307 7.63 -33.22 -14.78
CA GLU A 307 7.33 -33.82 -13.48
C GLU A 307 5.90 -34.31 -13.47
N LEU A 308 5.00 -33.50 -14.01
CA LEU A 308 3.60 -33.84 -14.08
C LEU A 308 3.36 -35.18 -14.78
N PHE A 309 4.07 -35.41 -15.88
CA PHE A 309 3.96 -36.65 -16.64
C PHE A 309 4.65 -37.78 -15.88
N LYS A 310 5.87 -37.50 -15.42
CA LYS A 310 6.63 -38.48 -14.66
C LYS A 310 5.72 -38.92 -13.52
N ARG A 311 5.02 -37.96 -12.95
CA ARG A 311 4.10 -38.26 -11.87
C ARG A 311 2.86 -38.86 -12.49
N GLN A 312 1.71 -38.51 -11.96
CA GLN A 312 0.47 -39.07 -12.47
C GLN A 312 0.67 -40.59 -12.45
N MET A 313 0.97 -41.15 -13.62
CA MET A 313 1.21 -42.58 -13.76
C MET A 313 1.32 -43.31 -12.41
N ASP B 21 3.14 27.95 40.19
CA ASP B 21 2.55 28.05 41.56
C ASP B 21 1.88 29.41 41.79
N GLN B 22 1.08 29.85 40.82
CA GLN B 22 0.45 31.17 40.98
C GLN B 22 -1.00 31.51 40.59
N ARG B 23 -1.85 30.57 40.19
CA ARG B 23 -3.23 30.97 39.83
C ARG B 23 -3.89 31.39 41.13
N GLU B 24 -4.64 30.50 41.78
CA GLU B 24 -5.19 30.83 43.09
C GLU B 24 -3.92 30.68 43.92
N ILE B 25 -2.81 30.88 43.23
CA ILE B 25 -1.44 30.75 43.70
C ILE B 25 -1.13 29.28 43.48
N LEU B 26 -2.13 28.56 42.97
CA LEU B 26 -2.01 27.15 42.65
C LEU B 26 -2.73 26.88 41.32
N GLN B 27 -1.94 26.48 40.32
CA GLN B 27 -2.40 26.17 38.97
C GLN B 27 -3.54 25.16 38.85
N LYS B 28 -4.72 25.55 39.34
CA LYS B 28 -5.89 24.67 39.27
C LYS B 28 -6.72 24.91 38.02
N PHE B 29 -6.33 24.19 36.98
CA PHE B 29 -6.96 24.21 35.68
C PHE B 29 -8.14 23.26 35.85
N LEU B 30 -7.95 22.29 36.75
CA LEU B 30 -8.94 21.27 37.05
C LEU B 30 -10.28 21.87 37.48
N ASP B 31 -10.25 23.14 37.82
CA ASP B 31 -11.47 23.80 38.23
C ASP B 31 -12.33 24.22 37.06
N GLU B 32 -11.75 24.28 35.87
CA GLU B 32 -12.58 24.58 34.71
C GLU B 32 -13.16 23.19 34.39
N ALA B 33 -13.73 22.60 35.43
CA ALA B 33 -14.39 21.31 35.37
C ALA B 33 -15.83 21.61 35.01
N GLN B 34 -16.22 22.85 35.28
CA GLN B 34 -17.56 23.32 34.97
C GLN B 34 -17.68 23.31 33.46
N SER B 35 -16.59 23.68 32.79
CA SER B 35 -16.54 23.70 31.34
C SER B 35 -16.54 22.27 30.78
N LYS B 36 -17.70 21.60 30.81
CA LYS B 36 -17.81 20.25 30.29
C LYS B 36 -19.20 19.68 30.59
N LYS B 40 -20.07 22.45 29.64
CA LYS B 40 -21.36 22.13 29.05
C LYS B 40 -21.20 21.92 27.54
N GLU B 41 -20.92 23.00 26.83
CA GLU B 41 -20.75 22.97 25.38
C GLU B 41 -19.80 24.04 24.89
N GLU B 42 -19.17 24.74 25.83
CA GLU B 42 -18.24 25.80 25.49
C GLU B 42 -17.18 25.27 24.51
N PHE B 43 -17.06 23.95 24.41
CA PHE B 43 -16.10 23.32 23.50
C PHE B 43 -16.47 23.59 22.06
N ALA B 44 -17.76 23.60 21.78
CA ALA B 44 -18.25 23.84 20.42
C ALA B 44 -17.91 25.25 19.96
N ASN B 45 -18.59 26.22 20.55
CA ASN B 45 -18.36 27.62 20.17
C ASN B 45 -16.90 28.01 20.31
N GLU B 46 -16.13 27.18 21.00
CA GLU B 46 -14.71 27.45 21.21
C GLU B 46 -13.93 26.95 20.00
N PHE B 47 -14.19 25.69 19.64
CA PHE B 47 -13.54 25.10 18.48
C PHE B 47 -13.95 25.94 17.27
N LEU B 48 -15.26 26.04 17.01
CA LEU B 48 -15.78 26.81 15.88
C LEU B 48 -15.06 28.12 15.74
N LYS B 49 -14.95 28.84 16.85
CA LYS B 49 -14.27 30.13 16.86
C LYS B 49 -13.00 30.00 16.01
N LEU B 50 -12.24 28.94 16.26
CA LEU B 50 -10.99 28.65 15.56
C LEU B 50 -11.14 28.48 14.05
N LYS B 51 -12.19 27.76 13.65
CA LYS B 51 -12.47 27.52 12.23
C LYS B 51 -12.40 28.83 11.48
N ARG B 52 -12.34 29.92 12.25
CA ARG B 52 -12.24 31.27 11.74
C ARG B 52 -10.78 31.76 11.75
N GLN B 53 -10.49 32.69 12.66
CA GLN B 53 -9.18 33.30 12.85
C GLN B 53 -8.05 32.51 12.22
N ALA B 59 -6.55 38.97 3.62
CA ALA B 59 -6.59 38.27 2.35
C ALA B 59 -6.78 36.79 2.59
N ASP B 60 -7.51 36.12 1.71
CA ASP B 60 -7.74 34.69 1.83
C ASP B 60 -6.38 34.00 1.94
N LYS B 61 -5.55 34.17 0.92
CA LYS B 61 -4.21 33.59 0.95
C LYS B 61 -3.44 34.44 1.95
N THR B 62 -3.95 34.50 3.18
CA THR B 62 -3.32 35.28 4.23
C THR B 62 -1.89 34.81 4.46
N TYR B 63 -1.67 33.51 4.28
CA TYR B 63 -0.35 32.92 4.46
C TYR B 63 0.13 32.37 3.14
N PRO B 64 1.20 32.93 2.59
CA PRO B 64 1.67 32.40 1.31
C PRO B 64 1.85 30.88 1.35
N THR B 65 1.44 30.23 0.27
CA THR B 65 1.55 28.80 0.12
C THR B 65 2.00 28.63 -1.33
N THR B 66 2.90 29.49 -1.74
CA THR B 66 3.37 29.45 -3.12
C THR B 66 4.11 28.17 -3.48
N VAL B 67 5.17 27.86 -2.74
CA VAL B 67 5.94 26.66 -3.07
C VAL B 67 5.06 25.42 -3.18
N ALA B 68 4.04 25.33 -2.34
CA ALA B 68 3.12 24.19 -2.35
C ALA B 68 2.21 24.17 -3.57
N GLU B 69 2.09 25.32 -4.23
CA GLU B 69 1.23 25.44 -5.40
C GLU B 69 1.92 25.34 -6.74
N LYS B 70 3.23 25.19 -6.74
CA LYS B 70 3.97 25.05 -7.98
C LYS B 70 3.48 23.78 -8.66
N PRO B 71 3.58 23.72 -10.00
CA PRO B 71 3.14 22.56 -10.79
C PRO B 71 3.77 21.24 -10.35
N LYS B 72 5.10 21.23 -10.20
CA LYS B 72 5.84 20.03 -9.79
C LYS B 72 5.57 19.61 -8.34
N ASN B 73 4.43 19.97 -7.77
CA ASN B 73 4.14 19.59 -6.39
C ASN B 73 2.69 19.17 -6.14
N ILE B 74 1.79 19.54 -7.04
CA ILE B 74 0.37 19.21 -6.90
C ILE B 74 0.16 17.70 -6.77
N LYS B 75 1.09 16.94 -7.31
CA LYS B 75 1.04 15.47 -7.25
C LYS B 75 1.77 15.06 -5.97
N LYS B 76 2.05 16.05 -5.12
CA LYS B 76 2.77 15.81 -3.88
C LYS B 76 1.91 16.23 -2.71
N ASN B 77 0.74 16.75 -3.00
CA ASN B 77 -0.18 17.16 -1.96
C ASN B 77 -1.40 16.23 -1.91
N ARG B 78 -1.42 15.40 -0.88
CA ARG B 78 -2.48 14.44 -0.62
C ARG B 78 -3.90 15.03 -0.77
N TYR B 79 -4.05 16.27 -0.32
CA TYR B 79 -5.33 16.97 -0.33
C TYR B 79 -5.19 18.44 -0.74
N LYS B 80 -5.45 18.74 -2.01
CA LYS B 80 -5.31 20.10 -2.54
C LYS B 80 -5.55 21.22 -1.53
N ASP B 81 -6.64 21.14 -0.77
CA ASP B 81 -6.93 22.19 0.21
C ASP B 81 -5.86 22.38 1.31
N ILE B 82 -5.46 21.31 1.99
CA ILE B 82 -4.44 21.35 3.07
C ILE B 82 -3.03 21.64 2.54
N LEU B 83 -2.56 22.88 2.69
CA LEU B 83 -1.22 23.23 2.21
C LEU B 83 -0.31 23.82 3.30
N PRO B 84 0.99 23.60 3.17
CA PRO B 84 1.90 24.15 4.17
C PRO B 84 2.11 25.62 3.95
N TYR B 85 2.66 26.29 4.95
CA TYR B 85 2.94 27.71 4.85
C TYR B 85 4.40 27.88 4.44
N ASP B 86 4.66 28.70 3.44
CA ASP B 86 6.04 28.92 2.99
C ASP B 86 6.95 29.24 4.18
N TYR B 87 6.50 30.16 5.03
CA TYR B 87 7.28 30.59 6.18
C TYR B 87 7.66 29.50 7.20
N SER B 88 6.98 28.35 7.18
CA SER B 88 7.32 27.32 8.13
C SER B 88 7.55 25.95 7.52
N ARG B 89 7.27 25.80 6.22
CA ARG B 89 7.48 24.51 5.55
C ARG B 89 8.89 23.92 5.79
N VAL B 90 9.00 22.60 5.70
CA VAL B 90 10.27 21.94 5.91
C VAL B 90 11.07 21.88 4.61
N GLU B 91 11.77 22.95 4.28
CA GLU B 91 12.56 22.98 3.05
C GLU B 91 13.59 21.83 3.02
N LEU B 92 13.78 21.23 1.84
CA LEU B 92 14.75 20.13 1.69
C LEU B 92 16.05 20.56 0.97
N SER B 93 17.18 20.04 1.43
CA SER B 93 18.49 20.37 0.87
C SER B 93 19.22 19.15 0.35
N LEU B 94 18.74 17.98 0.75
CA LEU B 94 19.37 16.75 0.34
C LEU B 94 18.95 16.32 -1.08
N ILE B 95 19.89 16.44 -2.01
CA ILE B 95 19.64 16.07 -3.40
C ILE B 95 20.20 14.66 -3.62
N THR B 96 19.32 13.70 -3.85
CA THR B 96 19.71 12.31 -4.07
C THR B 96 19.46 11.84 -5.51
N SER B 97 19.16 12.80 -6.38
CA SER B 97 18.88 12.54 -7.79
C SER B 97 18.76 13.86 -8.52
N ASP B 98 18.41 13.79 -9.81
CA ASP B 98 18.27 14.99 -10.63
C ASP B 98 16.82 15.40 -10.71
N GLU B 99 15.95 14.65 -10.06
CA GLU B 99 14.53 14.93 -10.08
C GLU B 99 14.04 15.44 -8.72
N ASP B 100 14.96 15.57 -7.77
CA ASP B 100 14.61 16.03 -6.42
C ASP B 100 14.50 17.55 -6.34
N SER B 101 13.46 18.03 -5.64
CA SER B 101 13.22 19.45 -5.42
C SER B 101 13.20 19.68 -3.92
N SER B 102 13.01 20.92 -3.49
CA SER B 102 13.00 21.20 -2.07
C SER B 102 11.60 21.25 -1.48
N TYR B 103 10.69 20.46 -2.02
CA TYR B 103 9.33 20.47 -1.53
C TYR B 103 8.74 19.21 -0.91
N ILE B 104 8.12 19.41 0.24
CA ILE B 104 7.49 18.32 0.95
C ILE B 104 6.34 19.00 1.69
N ASN B 105 5.14 18.43 1.59
CA ASN B 105 4.01 18.99 2.31
C ASN B 105 4.30 18.71 3.77
N ALA B 106 5.05 19.61 4.41
CA ALA B 106 5.40 19.46 5.81
C ALA B 106 5.85 20.75 6.51
N ASN B 107 5.36 20.97 7.72
CA ASN B 107 5.73 22.17 8.44
C ASN B 107 6.47 21.88 9.76
N PHE B 108 7.11 22.92 10.28
CA PHE B 108 7.81 22.82 11.54
C PHE B 108 6.88 23.39 12.57
N ILE B 109 6.71 22.69 13.68
CA ILE B 109 5.87 23.20 14.72
C ILE B 109 6.85 23.52 15.83
N LYS B 110 6.74 24.69 16.45
CA LYS B 110 7.64 25.05 17.55
C LYS B 110 7.20 24.28 18.77
N GLY B 111 8.14 24.09 19.70
CA GLY B 111 7.84 23.38 20.93
C GLY B 111 7.81 24.35 22.09
N VAL B 112 7.93 23.81 23.30
CA VAL B 112 7.91 24.61 24.51
C VAL B 112 9.02 25.63 24.58
N TYR B 113 10.21 25.26 24.10
CA TYR B 113 11.38 26.12 24.14
C TYR B 113 11.87 26.63 22.81
N GLY B 114 11.16 26.35 21.73
CA GLY B 114 11.63 26.87 20.45
C GLY B 114 11.20 26.21 19.16
N PRO B 115 11.89 26.54 18.06
CA PRO B 115 11.65 26.02 16.71
C PRO B 115 12.15 24.58 16.48
N LYS B 116 11.94 24.07 15.26
CA LYS B 116 12.34 22.73 14.90
C LYS B 116 12.03 21.69 15.99
N ALA B 117 10.94 21.89 16.71
CA ALA B 117 10.52 20.97 17.77
C ALA B 117 9.78 19.80 17.16
N TYR B 118 8.89 20.11 16.23
CA TYR B 118 8.12 19.06 15.58
C TYR B 118 8.11 19.22 14.05
N ILE B 119 7.74 18.13 13.39
CA ILE B 119 7.59 18.12 11.95
C ILE B 119 6.24 17.47 11.73
N ALA B 120 5.21 18.30 11.61
CA ALA B 120 3.87 17.81 11.36
C ALA B 120 3.74 17.69 9.84
N THR B 121 3.44 16.49 9.35
CA THR B 121 3.31 16.29 7.92
C THR B 121 2.25 15.26 7.57
N GLN B 122 2.07 15.02 6.27
CA GLN B 122 1.08 14.06 5.78
C GLN B 122 1.66 12.67 5.61
N GLY B 123 0.79 11.67 5.54
CA GLY B 123 1.25 10.32 5.32
C GLY B 123 1.91 10.44 3.97
N PRO B 124 3.13 9.93 3.77
CA PRO B 124 3.70 10.10 2.44
C PRO B 124 3.02 9.36 1.29
N LEU B 125 2.83 10.06 0.17
CA LEU B 125 2.23 9.47 -1.01
C LEU B 125 3.27 8.57 -1.69
N SER B 126 2.86 7.75 -2.65
CA SER B 126 3.83 6.90 -3.34
C SER B 126 4.83 7.81 -4.07
N THR B 127 4.34 8.94 -4.59
CA THR B 127 5.21 9.86 -5.29
C THR B 127 6.19 10.56 -4.36
N THR B 128 5.85 10.69 -3.08
CA THR B 128 6.73 11.37 -2.12
C THR B 128 7.42 10.53 -1.03
N LEU B 129 7.58 9.24 -1.26
CA LEU B 129 8.24 8.42 -0.26
C LEU B 129 9.69 8.88 -0.18
N LEU B 130 10.33 8.98 -1.34
CA LEU B 130 11.71 9.42 -1.43
C LEU B 130 11.91 10.75 -0.71
N ASP B 131 11.13 11.75 -1.10
CA ASP B 131 11.23 13.05 -0.47
C ASP B 131 11.16 12.86 1.04
N PHE B 132 10.25 11.99 1.46
CA PHE B 132 10.02 11.68 2.87
C PHE B 132 11.25 11.18 3.59
N TRP B 133 11.86 10.11 3.10
CA TRP B 133 13.04 9.64 3.78
C TRP B 133 14.17 10.68 3.81
N ARG B 134 14.44 11.39 2.71
CA ARG B 134 15.50 12.39 2.77
C ARG B 134 15.21 13.44 3.84
N MET B 135 13.95 13.82 3.98
CA MET B 135 13.58 14.78 5.04
C MET B 135 14.00 14.22 6.42
N ILE B 136 13.54 13.02 6.76
CA ILE B 136 13.87 12.42 8.08
C ILE B 136 15.39 12.45 8.26
N TRP B 137 16.10 12.12 7.18
CA TRP B 137 17.55 12.09 7.17
C TRP B 137 18.18 13.49 7.23
N GLU B 138 17.81 14.40 6.33
CA GLU B 138 18.40 15.72 6.39
C GLU B 138 18.35 16.34 7.77
N TYR B 139 17.27 16.13 8.50
CA TYR B 139 17.15 16.74 9.82
C TYR B 139 17.52 15.80 10.94
N SER B 140 17.83 14.55 10.60
CA SER B 140 18.21 13.54 11.59
C SER B 140 17.14 13.22 12.63
N VAL B 141 15.94 12.92 12.18
CA VAL B 141 14.87 12.57 13.11
C VAL B 141 15.22 11.18 13.60
N LEU B 142 14.97 10.94 14.89
CA LEU B 142 15.22 9.64 15.51
C LEU B 142 13.84 9.00 15.69
N ILE B 143 12.81 9.82 15.90
CA ILE B 143 11.47 9.26 16.07
C ILE B 143 10.37 9.72 15.11
N ILE B 144 9.61 8.76 14.61
CA ILE B 144 8.47 9.07 13.73
C ILE B 144 7.20 8.53 14.40
N VAL B 145 6.28 9.44 14.71
CA VAL B 145 5.00 9.06 15.33
C VAL B 145 3.99 8.92 14.22
N MET B 146 3.56 7.70 13.92
CA MET B 146 2.57 7.49 12.88
C MET B 146 1.23 7.22 13.54
N ALA B 147 0.43 8.27 13.67
CA ALA B 147 -0.86 8.13 14.30
C ALA B 147 -1.95 7.98 13.27
N CYS B 148 -2.07 6.77 12.73
CA CYS B 148 -3.09 6.41 11.75
C CYS B 148 -2.83 5.06 11.07
N MET B 149 -3.88 4.23 11.02
CA MET B 149 -3.82 2.91 10.40
C MET B 149 -3.56 3.07 8.91
N GLU B 150 -2.91 2.09 8.30
CA GLU B 150 -2.64 2.17 6.87
C GLU B 150 -4.00 2.30 6.18
N TYR B 151 -4.97 1.52 6.66
CA TYR B 151 -6.34 1.50 6.15
C TYR B 151 -7.33 1.77 7.29
N GLU B 152 -8.26 2.67 7.03
CA GLU B 152 -9.26 3.01 8.02
C GLU B 152 -10.60 3.27 7.35
N MET B 153 -11.66 2.77 7.96
CA MET B 153 -13.00 2.97 7.42
C MET B 153 -12.97 2.54 5.97
N GLY B 154 -12.25 1.45 5.73
CA GLY B 154 -12.11 0.92 4.39
C GLY B 154 -11.41 1.88 3.45
N LYS B 155 -10.75 2.90 3.98
CA LYS B 155 -10.08 3.87 3.13
C LYS B 155 -8.59 4.09 3.40
N LYS B 156 -7.76 3.77 2.39
CA LYS B 156 -6.33 3.93 2.50
C LYS B 156 -5.91 5.34 2.86
N LYS B 157 -5.23 5.45 4.00
CA LYS B 157 -4.75 6.74 4.53
C LYS B 157 -3.24 6.98 4.44
N CYS B 158 -2.46 5.96 4.06
CA CYS B 158 -1.00 6.09 3.98
C CYS B 158 -0.30 5.06 3.08
N GLU B 159 0.87 5.47 2.59
CA GLU B 159 1.71 4.67 1.70
C GLU B 159 2.86 4.13 2.55
N ARG B 160 3.02 2.81 2.62
CA ARG B 160 4.08 2.27 3.47
C ARG B 160 5.44 2.83 3.11
N TYR B 161 6.21 3.16 4.15
CA TYR B 161 7.56 3.70 4.00
C TYR B 161 8.42 2.96 5.01
N TRP B 162 7.76 2.17 5.84
CA TRP B 162 8.43 1.40 6.89
C TRP B 162 8.59 -0.05 6.48
N ALA B 163 9.63 -0.71 6.99
CA ALA B 163 9.88 -2.12 6.67
C ALA B 163 9.32 -3.03 7.77
N GLU B 164 8.92 -4.25 7.40
CA GLU B 164 8.37 -5.19 8.37
C GLU B 164 9.39 -6.31 8.59
N PRO B 165 9.31 -7.02 9.72
CA PRO B 165 10.21 -8.13 10.08
C PRO B 165 10.21 -9.38 9.19
N GLY B 166 11.40 -9.88 8.90
CA GLY B 166 11.55 -11.08 8.07
C GLY B 166 11.55 -10.71 6.60
N GLU B 167 11.12 -9.48 6.36
CA GLU B 167 11.02 -8.91 5.03
C GLU B 167 12.39 -8.34 4.58
N MET B 168 12.63 -8.39 3.27
CA MET B 168 13.87 -7.89 2.69
C MET B 168 13.90 -6.35 2.77
N GLN B 169 15.04 -5.76 2.44
CA GLN B 169 15.19 -4.31 2.52
C GLN B 169 14.42 -3.52 1.47
N LEU B 170 13.44 -2.76 1.92
CA LEU B 170 12.64 -1.94 1.02
C LEU B 170 13.57 -0.85 0.51
N GLU B 171 13.56 -0.64 -0.80
CA GLU B 171 14.41 0.37 -1.45
C GLU B 171 13.60 1.62 -1.72
N PHE B 172 14.12 2.77 -1.31
CA PHE B 172 13.44 4.05 -1.53
C PHE B 172 14.43 5.06 -2.10
N GLY B 173 14.68 4.98 -3.40
CA GLY B 173 15.66 5.88 -3.97
C GLY B 173 17.02 5.40 -3.48
N PRO B 174 17.93 6.30 -3.11
CA PRO B 174 19.26 5.86 -2.64
C PRO B 174 19.18 5.44 -1.16
N PHE B 175 17.97 5.47 -0.60
CA PHE B 175 17.71 5.10 0.80
C PHE B 175 17.31 3.64 0.94
N SER B 176 17.90 2.95 1.91
CA SER B 176 17.61 1.54 2.14
C SER B 176 16.97 1.45 3.53
N VAL B 177 15.78 0.88 3.61
CA VAL B 177 15.09 0.78 4.89
C VAL B 177 14.71 -0.64 5.29
N SER B 178 14.99 -0.99 6.53
CA SER B 178 14.67 -2.33 7.03
C SER B 178 14.31 -2.29 8.51
N CYS B 179 13.35 -3.14 8.89
CA CYS B 179 12.93 -3.26 10.30
C CYS B 179 13.64 -4.43 10.96
N GLU B 180 14.35 -4.15 12.04
CA GLU B 180 15.10 -5.20 12.75
C GLU B 180 14.27 -5.84 13.83
N ALA B 181 13.38 -5.05 14.43
CA ALA B 181 12.50 -5.52 15.49
C ALA B 181 11.39 -4.52 15.73
N GLU B 182 10.38 -4.94 16.48
CA GLU B 182 9.26 -4.05 16.78
C GLU B 182 8.40 -4.60 17.92
N LYS B 183 8.32 -3.83 19.00
CA LYS B 183 7.54 -4.18 20.18
C LYS B 183 6.06 -3.94 19.93
N ARG B 184 5.25 -4.98 20.10
CA ARG B 184 3.82 -4.86 19.87
C ARG B 184 3.12 -4.69 21.20
N LYS B 185 2.93 -3.44 21.59
CA LYS B 185 2.26 -3.12 22.85
C LYS B 185 0.76 -3.24 22.68
N SER B 186 0.03 -2.53 23.52
CA SER B 186 -1.43 -2.56 23.49
C SER B 186 -2.02 -2.02 22.19
N ASP B 187 -2.13 -0.69 22.09
CA ASP B 187 -2.72 -0.04 20.94
C ASP B 187 -1.75 0.52 19.91
N TYR B 188 -0.48 0.18 20.06
CA TYR B 188 0.53 0.65 19.11
C TYR B 188 1.74 -0.24 19.05
N ILE B 189 2.37 -0.26 17.89
CA ILE B 189 3.56 -1.08 17.68
C ILE B 189 4.75 -0.15 17.59
N ILE B 190 5.83 -0.49 18.30
CA ILE B 190 7.04 0.33 18.28
C ILE B 190 8.03 -0.33 17.35
N ARG B 191 8.31 0.32 16.23
CA ARG B 191 9.25 -0.21 15.26
C ARG B 191 10.59 0.48 15.37
N THR B 192 11.63 -0.26 15.02
CA THR B 192 12.97 0.30 15.05
C THR B 192 13.45 -0.03 13.64
N LEU B 193 13.94 0.99 12.95
CA LEU B 193 14.41 0.83 11.58
C LEU B 193 15.91 0.99 11.40
N LYS B 194 16.41 0.38 10.35
CA LYS B 194 17.81 0.49 10.01
C LYS B 194 17.69 1.18 8.67
N VAL B 195 18.06 2.44 8.64
CA VAL B 195 17.97 3.23 7.41
C VAL B 195 19.38 3.55 6.88
N LYS B 196 19.72 2.94 5.74
CA LYS B 196 21.02 3.15 5.13
C LYS B 196 21.05 4.07 3.92
N PHE B 197 21.70 5.22 4.07
CA PHE B 197 21.86 6.13 2.96
C PHE B 197 23.36 6.19 2.70
N ASN B 198 23.73 6.33 1.42
CA ASN B 198 25.13 6.32 1.00
C ASN B 198 25.64 4.98 1.47
N SER B 199 26.23 4.94 2.66
CA SER B 199 26.70 3.67 3.20
C SER B 199 26.62 3.74 4.71
N GLU B 200 26.05 4.84 5.20
CA GLU B 200 25.90 5.06 6.62
C GLU B 200 24.67 4.31 7.16
N THR B 201 24.59 4.16 8.47
CA THR B 201 23.45 3.50 9.07
C THR B 201 22.87 4.30 10.24
N ARG B 202 21.55 4.30 10.35
CA ARG B 202 20.93 5.04 11.43
C ARG B 202 19.72 4.27 11.88
N THR B 203 19.44 4.37 13.18
CA THR B 203 18.32 3.67 13.79
C THR B 203 17.17 4.59 14.18
N ILE B 204 16.17 4.67 13.31
CA ILE B 204 15.01 5.52 13.58
C ILE B 204 13.99 4.62 14.28
N TYR B 205 13.08 5.22 15.06
CA TYR B 205 12.04 4.45 15.75
C TYR B 205 10.67 4.98 15.37
N GLN B 206 9.85 4.10 14.81
CA GLN B 206 8.52 4.50 14.43
C GLN B 206 7.46 3.94 15.37
N PHE B 207 6.62 4.84 15.87
CA PHE B 207 5.54 4.46 16.75
C PHE B 207 4.29 4.50 15.88
N HIS B 208 3.74 3.34 15.59
CA HIS B 208 2.55 3.29 14.75
C HIS B 208 1.32 3.12 15.65
N TYR B 209 0.62 4.22 15.91
CA TYR B 209 -0.57 4.23 16.76
C TYR B 209 -1.84 3.84 16.02
N LYS B 210 -1.83 2.65 15.44
CA LYS B 210 -2.95 2.12 14.68
C LYS B 210 -4.16 1.78 15.56
N ASN B 211 -4.72 2.80 16.21
CA ASN B 211 -5.89 2.63 17.07
C ASN B 211 -6.13 3.92 17.86
N TRP B 212 -6.84 4.84 17.22
CA TRP B 212 -7.15 6.14 17.82
C TRP B 212 -8.25 5.97 18.87
N PRO B 213 -8.16 6.73 19.98
CA PRO B 213 -9.08 6.72 21.12
C PRO B 213 -10.51 6.29 20.81
N ASP B 214 -10.98 5.28 21.55
CA ASP B 214 -12.33 4.72 21.44
C ASP B 214 -13.30 5.82 21.03
N HIS B 215 -13.48 6.78 21.93
CA HIS B 215 -14.34 7.93 21.68
C HIS B 215 -13.64 9.08 22.40
N ASP B 216 -14.03 10.31 22.10
CA ASP B 216 -13.43 11.47 22.76
C ASP B 216 -14.06 11.59 24.14
N VAL B 217 -14.70 10.52 24.58
CA VAL B 217 -15.39 10.52 25.86
C VAL B 217 -14.80 9.62 26.98
N PRO B 218 -14.83 8.30 26.79
CA PRO B 218 -14.30 7.34 27.77
C PRO B 218 -12.90 7.63 28.30
N SER B 219 -12.38 6.71 29.12
CA SER B 219 -11.04 6.84 29.67
C SER B 219 -10.12 6.12 28.68
N SER B 220 -10.48 6.23 27.40
CA SER B 220 -9.76 5.61 26.31
C SER B 220 -8.52 6.39 25.91
N ILE B 221 -8.31 7.54 26.52
CA ILE B 221 -7.15 8.34 26.20
C ILE B 221 -5.96 8.00 27.07
N ASP B 222 -6.00 6.84 27.72
CA ASP B 222 -4.90 6.40 28.57
C ASP B 222 -3.74 5.94 27.67
N PRO B 223 -4.00 4.99 26.77
CA PRO B 223 -2.93 4.54 25.91
C PRO B 223 -2.24 5.67 25.15
N ILE B 224 -2.99 6.73 24.80
CA ILE B 224 -2.38 7.83 24.05
C ILE B 224 -1.41 8.63 24.88
N LEU B 225 -1.47 8.46 26.19
CA LEU B 225 -0.53 9.14 27.06
C LEU B 225 0.69 8.22 27.17
N GLU B 226 0.41 6.92 27.24
CA GLU B 226 1.46 5.91 27.31
C GLU B 226 2.39 6.13 26.13
N LEU B 227 1.75 6.37 24.98
CA LEU B 227 2.46 6.60 23.74
C LEU B 227 3.36 7.81 23.80
N ILE B 228 2.79 8.90 24.32
CA ILE B 228 3.54 10.14 24.42
C ILE B 228 4.67 9.94 25.42
N TRP B 229 4.49 9.01 26.35
CA TRP B 229 5.53 8.77 27.34
C TRP B 229 6.69 7.98 26.72
N ASP B 230 6.36 6.97 25.91
CA ASP B 230 7.39 6.16 25.27
C ASP B 230 8.24 6.97 24.31
N VAL B 231 7.61 7.81 23.50
CA VAL B 231 8.36 8.62 22.57
C VAL B 231 9.30 9.46 23.41
N ARG B 232 8.78 10.06 24.47
CA ARG B 232 9.64 10.89 25.32
C ARG B 232 10.74 10.11 26.01
N CYS B 233 10.68 8.79 25.93
CA CYS B 233 11.72 7.98 26.53
C CYS B 233 12.85 7.85 25.52
N TYR B 234 12.56 8.15 24.26
CA TYR B 234 13.57 8.09 23.21
C TYR B 234 14.18 9.47 22.90
N GLN B 235 13.37 10.53 23.02
CA GLN B 235 13.85 11.89 22.75
C GLN B 235 12.99 12.92 23.46
N GLU B 236 13.53 13.48 24.55
CA GLU B 236 12.82 14.48 25.36
C GLU B 236 13.23 15.95 25.09
N ASP B 237 13.58 16.67 26.16
CA ASP B 237 14.01 18.07 26.04
C ASP B 237 15.04 18.12 24.92
N ASP B 238 15.54 16.94 24.55
CA ASP B 238 16.50 16.75 23.47
C ASP B 238 16.05 17.70 22.36
N SER B 239 17.01 18.19 21.59
CA SER B 239 16.70 19.10 20.51
C SER B 239 17.01 18.43 19.18
N VAL B 240 15.95 17.93 18.55
CA VAL B 240 15.95 17.27 17.25
C VAL B 240 14.46 17.10 17.02
N PRO B 241 14.00 17.45 15.82
CA PRO B 241 12.57 17.34 15.53
C PRO B 241 11.98 15.95 15.49
N ILE B 242 10.78 15.82 16.07
CA ILE B 242 10.07 14.56 16.08
C ILE B 242 9.04 14.70 14.98
N CYS B 243 9.06 13.75 14.05
CA CYS B 243 8.15 13.78 12.94
C CYS B 243 6.87 13.04 13.26
N ILE B 244 5.75 13.75 13.24
CA ILE B 244 4.46 13.13 13.51
C ILE B 244 3.63 13.24 12.27
N HIS B 245 2.78 12.25 12.05
CA HIS B 245 1.96 12.27 10.88
C HIS B 245 0.79 11.32 10.95
N CYS B 246 -0.33 11.76 10.38
CA CYS B 246 -1.52 10.93 10.27
C CYS B 246 -1.73 10.86 8.75
N SER B 247 -2.93 11.15 8.26
CA SER B 247 -3.10 11.09 6.81
C SER B 247 -2.82 12.43 6.15
N ALA B 248 -3.53 13.48 6.56
CA ALA B 248 -3.28 14.80 5.97
C ALA B 248 -2.16 15.51 6.74
N GLY B 249 -2.06 15.22 8.03
CA GLY B 249 -1.03 15.83 8.84
C GLY B 249 -1.53 17.02 9.62
N CYS B 250 -2.77 17.01 10.07
CA CYS B 250 -3.31 18.14 10.82
C CYS B 250 -4.24 17.73 11.94
N GLY B 251 -5.14 16.80 11.69
CA GLY B 251 -6.04 16.39 12.77
C GLY B 251 -5.36 15.59 13.88
N ARG B 252 -5.06 14.32 13.65
CA ARG B 252 -4.44 13.53 14.70
C ARG B 252 -3.03 13.98 15.01
N THR B 253 -2.25 14.39 14.01
CA THR B 253 -0.88 14.81 14.32
C THR B 253 -0.87 16.05 15.23
N GLY B 254 -1.82 16.96 14.99
CA GLY B 254 -1.90 18.17 15.79
C GLY B 254 -2.24 17.78 17.22
N VAL B 255 -3.17 16.86 17.37
CA VAL B 255 -3.54 16.39 18.71
C VAL B 255 -2.34 15.88 19.48
N ILE B 256 -1.46 15.12 18.82
CA ILE B 256 -0.27 14.60 19.48
C ILE B 256 0.76 15.71 19.76
N CYS B 257 0.82 16.71 18.89
CA CYS B 257 1.78 17.81 19.05
C CYS B 257 1.39 18.70 20.22
N ALA B 258 0.11 19.02 20.31
CA ALA B 258 -0.39 19.87 21.37
C ALA B 258 -0.37 19.17 22.72
N ILE B 259 -0.61 17.87 22.74
CA ILE B 259 -0.60 17.14 24.00
C ILE B 259 0.84 16.91 24.47
N ASP B 260 1.76 16.70 23.52
CA ASP B 260 3.15 16.48 23.86
C ASP B 260 3.73 17.77 24.38
N TYR B 261 3.33 18.87 23.75
CA TYR B 261 3.77 20.19 24.12
C TYR B 261 3.25 20.51 25.53
N THR B 262 1.95 20.29 25.75
CA THR B 262 1.33 20.55 27.05
C THR B 262 1.96 19.63 28.09
N TRP B 263 2.45 18.50 27.64
CA TRP B 263 3.08 17.53 28.50
C TRP B 263 4.45 18.04 28.91
N MET B 264 5.08 18.81 28.02
CA MET B 264 6.40 19.37 28.25
C MET B 264 6.43 20.50 29.27
N LEU B 265 5.38 21.31 29.29
CA LEU B 265 5.31 22.42 30.22
C LEU B 265 5.20 21.83 31.60
N LEU B 266 4.27 20.88 31.74
CA LEU B 266 4.05 20.17 33.00
C LEU B 266 5.36 19.59 33.50
N LYS B 267 5.94 18.69 32.69
CA LYS B 267 7.19 18.02 33.02
C LYS B 267 8.24 18.97 33.58
N ASP B 268 8.28 20.19 33.07
CA ASP B 268 9.25 21.16 33.53
C ASP B 268 8.63 22.16 34.50
N GLY B 269 7.42 21.83 34.98
CA GLY B 269 6.71 22.69 35.92
C GLY B 269 6.80 24.15 35.54
N ILE B 270 6.33 24.47 34.33
CA ILE B 270 6.39 25.84 33.82
C ILE B 270 5.11 26.20 33.03
N ILE B 271 3.96 25.70 33.48
CA ILE B 271 2.71 26.01 32.82
C ILE B 271 2.36 27.43 33.21
N PRO B 272 2.08 28.29 32.22
CA PRO B 272 1.73 29.69 32.51
C PRO B 272 0.32 29.83 33.09
N GLU B 273 0.08 30.87 33.88
CA GLU B 273 -1.23 31.07 34.48
C GLU B 273 -2.23 31.23 33.34
N ASN B 274 -1.76 31.82 32.25
CA ASN B 274 -2.56 32.09 31.07
C ASN B 274 -2.73 30.82 30.22
N PHE B 275 -2.65 29.65 30.83
CA PHE B 275 -2.78 28.45 30.01
C PHE B 275 -4.18 28.16 29.59
N SER B 276 -4.33 28.05 28.29
CA SER B 276 -5.59 27.75 27.66
C SER B 276 -5.28 26.79 26.55
N VAL B 277 -6.13 25.78 26.39
CA VAL B 277 -5.97 24.80 25.34
C VAL B 277 -6.15 25.61 24.06
N PHE B 278 -7.25 26.34 24.03
CA PHE B 278 -7.61 27.16 22.89
C PHE B 278 -6.48 28.04 22.36
N SER B 279 -5.60 28.49 23.25
CA SER B 279 -4.50 29.36 22.84
C SER B 279 -3.40 28.57 22.19
N LEU B 280 -3.27 27.34 22.66
CA LEU B 280 -2.25 26.46 22.14
C LEU B 280 -2.56 26.10 20.71
N ILE B 281 -3.79 25.66 20.45
CA ILE B 281 -4.17 25.29 19.09
C ILE B 281 -4.00 26.51 18.22
N ARG B 282 -4.44 27.64 18.77
CA ARG B 282 -4.36 28.92 18.10
C ARG B 282 -2.99 29.17 17.49
N GLU B 283 -1.95 29.21 18.32
CA GLU B 283 -0.62 29.47 17.81
C GLU B 283 -0.04 28.32 16.99
N MET B 284 -0.50 27.10 17.24
CA MET B 284 0.01 25.99 16.47
C MET B 284 -0.53 26.08 15.05
N ARG B 285 -1.82 26.39 14.92
CA ARG B 285 -2.45 26.51 13.62
C ARG B 285 -1.73 27.58 12.79
N THR B 286 -1.06 28.50 13.47
CA THR B 286 -0.29 29.56 12.84
C THR B 286 0.82 28.95 11.99
N GLN B 287 1.39 27.87 12.51
CA GLN B 287 2.48 27.19 11.82
C GLN B 287 2.01 26.17 10.81
N ARG B 288 0.79 25.66 11.00
CA ARG B 288 0.20 24.67 10.09
C ARG B 288 -1.32 24.67 10.19
N PRO B 289 -2.00 24.99 9.06
CA PRO B 289 -3.45 25.06 8.90
C PRO B 289 -4.26 23.95 9.54
N SER B 290 -5.16 24.34 10.44
CA SER B 290 -6.06 23.42 11.13
C SER B 290 -5.45 22.21 11.87
N LEU B 291 -4.50 22.46 12.77
CA LEU B 291 -3.85 21.40 13.51
C LEU B 291 -4.73 20.56 14.43
N VAL B 292 -6.03 20.83 14.45
CA VAL B 292 -7.02 20.05 15.21
C VAL B 292 -8.28 20.50 14.47
N GLN B 293 -8.67 19.72 13.47
CA GLN B 293 -9.80 20.08 12.64
C GLN B 293 -11.17 19.58 13.01
N THR B 294 -11.25 18.77 14.06
CA THR B 294 -12.54 18.23 14.47
C THR B 294 -12.91 18.57 15.90
N GLN B 295 -14.20 18.45 16.19
CA GLN B 295 -14.77 18.71 17.51
C GLN B 295 -14.24 17.67 18.50
N GLU B 296 -14.32 16.41 18.11
CA GLU B 296 -13.82 15.33 18.97
C GLU B 296 -12.32 15.44 19.19
N GLN B 297 -11.59 15.84 18.14
CA GLN B 297 -10.16 15.98 18.22
C GLN B 297 -9.81 17.10 19.17
N TYR B 298 -10.66 18.11 19.26
CA TYR B 298 -10.40 19.23 20.16
C TYR B 298 -10.59 18.73 21.59
N GLU B 299 -11.71 18.08 21.85
CA GLU B 299 -12.03 17.56 23.18
C GLU B 299 -10.97 16.59 23.73
N LEU B 300 -10.36 15.84 22.82
CA LEU B 300 -9.32 14.90 23.17
C LEU B 300 -8.20 15.62 23.91
N VAL B 301 -7.56 16.54 23.19
CA VAL B 301 -6.46 17.34 23.72
C VAL B 301 -6.80 17.82 25.12
N TYR B 302 -8.01 18.34 25.27
CA TYR B 302 -8.46 18.86 26.55
C TYR B 302 -8.57 17.77 27.59
N ASN B 303 -9.12 16.61 27.20
CA ASN B 303 -9.25 15.49 28.11
C ASN B 303 -7.87 14.99 28.55
N ALA B 304 -6.98 14.79 27.58
CA ALA B 304 -5.63 14.33 27.86
C ALA B 304 -4.88 15.36 28.68
N VAL B 305 -4.99 16.64 28.30
CA VAL B 305 -4.30 17.68 29.04
C VAL B 305 -4.90 17.74 30.42
N LEU B 306 -6.12 17.21 30.56
CA LEU B 306 -6.81 17.20 31.83
C LEU B 306 -6.44 15.98 32.65
N GLU B 307 -6.18 14.84 31.99
CA GLU B 307 -5.79 13.65 32.73
C GLU B 307 -4.36 13.85 33.23
N LEU B 308 -3.59 14.65 32.50
CA LEU B 308 -2.22 14.91 32.87
C LEU B 308 -2.09 15.82 34.11
N PHE B 309 -2.81 16.93 34.14
CA PHE B 309 -2.76 17.84 35.30
C PHE B 309 -3.20 17.11 36.57
N LYS B 310 -4.13 16.17 36.41
CA LYS B 310 -4.62 15.40 37.52
C LYS B 310 -3.57 14.34 37.80
N ARG B 311 -3.03 13.76 36.73
CA ARG B 311 -1.97 12.75 36.83
C ARG B 311 -0.92 13.24 37.83
N GLN B 312 -0.30 14.38 37.53
CA GLN B 312 0.71 14.96 38.41
C GLN B 312 0.01 15.64 39.59
N MET B 313 0.48 15.34 40.80
CA MET B 313 -0.06 15.88 42.08
C MET B 313 -0.95 14.86 42.82
#